data_1B2L
#
_entry.id   1B2L
#
_cell.length_a   54.100
_cell.length_b   54.100
_cell.length_c   168.800
_cell.angle_alpha   90.00
_cell.angle_beta   90.00
_cell.angle_gamma   120.00
#
_symmetry.space_group_name_H-M   'P 32 2 1'
#
loop_
_entity.id
_entity.type
_entity.pdbx_description
1 polymer 'ALCOHOL DEHYDROGENASE'
2 non-polymer 'CALCIUM ION'
3 non-polymer 'NICOTINAMIDE ADENINE DINUCLEOTIDE CYCLOHEXANONE'
4 non-polymer CYCLOHEXANONE
5 non-polymer 2,3-DIHYDROXY-1,4-DITHIOBUTANE
6 water water
#
_entity_poly.entity_id   1
_entity_poly.type   'polypeptide(L)'
_entity_poly.pdbx_seq_one_letter_code
;MDLTNKNVIFVAALGGIGLDTSRELVKRNLKNFVILDRVENPTALAELKAINPKVNITFHTYDVTVPVAESKKLLKKIFD
QLKTVDILINGAGILDDHQIERTIAINFTGLVNTTTAILDFWDKRKGGPGGIIANICSVTGFNAIHQVPVYSASKAAVVS
FTNSLAKLAPITGVTAYSINPGITRTPLVHTFNSWLDVEPRVAELLLSHPTQTSEQCGQNFVKAIEANKNGAIWKLDLGT
LEAIEWTKHWDSHI
;
_entity_poly.pdbx_strand_id   A
#
# COMPACT_ATOMS: atom_id res chain seq x y z
N MET A 1 14.99 -9.27 -1.87
CA MET A 1 13.88 -10.18 -1.98
C MET A 1 13.80 -10.50 -3.50
N ASP A 2 13.94 -11.78 -3.83
CA ASP A 2 13.67 -12.19 -5.22
C ASP A 2 12.23 -12.64 -5.30
N LEU A 3 11.42 -11.91 -6.07
CA LEU A 3 9.98 -12.14 -6.13
C LEU A 3 9.62 -13.39 -6.93
N THR A 4 10.59 -13.94 -7.68
CA THR A 4 10.29 -15.20 -8.36
C THR A 4 9.69 -16.22 -7.40
N ASN A 5 8.58 -16.81 -7.79
CA ASN A 5 7.93 -17.91 -7.11
C ASN A 5 7.33 -17.52 -5.75
N LYS A 6 7.18 -16.21 -5.55
CA LYS A 6 6.57 -15.78 -4.28
C LYS A 6 5.07 -15.63 -4.42
N ASN A 7 4.36 -15.59 -3.29
CA ASN A 7 2.94 -15.36 -3.24
C ASN A 7 2.64 -13.99 -2.62
N VAL A 8 1.99 -13.12 -3.36
CA VAL A 8 1.78 -11.75 -2.95
C VAL A 8 0.30 -11.42 -2.94
N ILE A 9 -0.22 -10.84 -1.84
CA ILE A 9 -1.55 -10.27 -1.82
C ILE A 9 -1.42 -8.76 -1.98
N PHE A 10 -2.13 -8.15 -2.91
CA PHE A 10 -2.07 -6.70 -3.12
C PHE A 10 -3.49 -6.15 -3.02
N VAL A 11 -3.75 -5.46 -1.91
CA VAL A 11 -5.00 -4.74 -1.74
C VAL A 11 -4.94 -3.44 -2.54
N ALA A 12 -5.90 -3.26 -3.43
CA ALA A 12 -5.98 -2.07 -4.29
C ALA A 12 -4.93 -2.07 -5.40
N ALA A 13 -4.73 -3.27 -5.98
CA ALA A 13 -3.76 -3.42 -7.05
C ALA A 13 -4.22 -2.79 -8.37
N LEU A 14 -5.48 -2.42 -8.51
CA LEU A 14 -5.97 -2.10 -9.86
C LEU A 14 -6.19 -0.61 -10.05
N GLY A 15 -5.79 0.23 -9.09
CA GLY A 15 -5.87 1.68 -9.25
C GLY A 15 -4.76 2.23 -10.14
N GLY A 16 -4.58 3.56 -10.14
CA GLY A 16 -3.61 4.17 -11.05
C GLY A 16 -2.18 3.77 -10.75
N ILE A 17 -1.74 3.98 -9.50
CA ILE A 17 -0.42 3.49 -9.12
C ILE A 17 -0.38 1.97 -9.08
N GLY A 18 -1.46 1.37 -8.55
CA GLY A 18 -1.51 -0.07 -8.34
C GLY A 18 -1.29 -0.81 -9.67
N LEU A 19 -1.96 -0.35 -10.73
CA LEU A 19 -1.91 -1.20 -11.94
C LEU A 19 -0.52 -1.16 -12.54
N ASP A 20 0.15 0.00 -12.54
CA ASP A 20 1.51 0.06 -13.05
C ASP A 20 2.51 -0.67 -12.16
N THR A 21 2.30 -0.68 -10.84
CA THR A 21 3.07 -1.56 -9.96
C THR A 21 2.84 -3.03 -10.28
N SER A 22 1.58 -3.39 -10.47
CA SER A 22 1.20 -4.77 -10.77
C SER A 22 1.81 -5.25 -12.09
N ARG A 23 1.85 -4.35 -13.08
CA ARG A 23 2.54 -4.74 -14.33
C ARG A 23 3.99 -5.13 -14.08
N GLU A 24 4.70 -4.34 -13.27
CA GLU A 24 6.07 -4.72 -12.93
C GLU A 24 6.13 -5.97 -12.05
N LEU A 25 5.21 -6.15 -11.10
CA LEU A 25 5.24 -7.32 -10.25
C LEU A 25 5.12 -8.61 -11.07
N VAL A 26 4.21 -8.61 -12.05
CA VAL A 26 4.00 -9.89 -12.75
C VAL A 26 5.20 -10.18 -13.64
N LYS A 27 5.88 -9.13 -14.12
CA LYS A 27 7.15 -9.37 -14.82
C LYS A 27 8.17 -10.11 -13.94
N ARG A 28 8.05 -9.93 -12.62
CA ARG A 28 8.96 -10.57 -11.68
C ARG A 28 8.59 -12.02 -11.42
N ASN A 29 7.60 -12.59 -12.12
CA ASN A 29 7.42 -14.05 -12.11
C ASN A 29 7.03 -14.59 -10.74
N LEU A 30 6.07 -13.91 -10.11
CA LEU A 30 5.40 -14.44 -8.92
C LEU A 30 4.82 -15.83 -9.17
N LYS A 31 4.69 -16.66 -8.14
CA LYS A 31 3.84 -17.86 -8.24
C LYS A 31 2.37 -17.51 -8.25
N ASN A 32 1.90 -16.81 -7.22
CA ASN A 32 0.53 -16.37 -7.12
C ASN A 32 0.46 -14.87 -6.84
N PHE A 33 -0.39 -14.22 -7.59
CA PHE A 33 -0.63 -12.78 -7.39
C PHE A 33 -2.11 -12.62 -7.10
N VAL A 34 -2.44 -12.31 -5.83
CA VAL A 34 -3.82 -12.28 -5.39
C VAL A 34 -4.25 -10.83 -5.20
N ILE A 35 -5.18 -10.38 -6.01
CA ILE A 35 -5.59 -8.98 -6.03
C ILE A 35 -6.91 -8.84 -5.29
N LEU A 36 -6.91 -7.98 -4.27
CA LEU A 36 -8.10 -7.67 -3.50
C LEU A 36 -8.47 -6.22 -3.80
N ASP A 37 -9.67 -5.98 -4.31
CA ASP A 37 -10.06 -4.59 -4.58
C ASP A 37 -11.58 -4.45 -4.49
N ARG A 38 -12.04 -3.20 -4.39
CA ARG A 38 -13.42 -2.94 -4.04
C ARG A 38 -14.37 -3.19 -5.22
N VAL A 39 -13.81 -3.08 -6.42
CA VAL A 39 -14.57 -3.23 -7.65
C VAL A 39 -13.77 -4.10 -8.63
N GLU A 40 -14.49 -4.87 -9.43
CA GLU A 40 -13.83 -5.75 -10.38
C GLU A 40 -13.31 -4.97 -11.58
N ASN A 41 -12.29 -5.56 -12.21
CA ASN A 41 -11.76 -4.97 -13.44
C ASN A 41 -11.18 -6.08 -14.32
N PRO A 42 -12.07 -6.79 -15.00
CA PRO A 42 -11.65 -8.04 -15.65
C PRO A 42 -10.66 -7.77 -16.78
N THR A 43 -10.77 -6.63 -17.46
CA THR A 43 -9.80 -6.31 -18.50
C THR A 43 -8.40 -6.11 -17.94
N ALA A 44 -8.29 -5.41 -16.80
CA ALA A 44 -6.98 -5.25 -16.19
C ALA A 44 -6.35 -6.59 -15.83
N LEU A 45 -7.16 -7.49 -15.29
CA LEU A 45 -6.67 -8.80 -14.90
C LEU A 45 -6.12 -9.53 -16.13
N ALA A 46 -6.84 -9.35 -17.24
CA ALA A 46 -6.37 -10.07 -18.46
C ALA A 46 -5.09 -9.45 -19.00
N GLU A 47 -4.99 -8.12 -18.92
CA GLU A 47 -3.76 -7.47 -19.35
C GLU A 47 -2.55 -8.01 -18.58
N LEU A 48 -2.76 -8.09 -17.25
CA LEU A 48 -1.68 -8.57 -16.39
C LEU A 48 -1.25 -9.99 -16.74
N LYS A 49 -2.25 -10.86 -16.95
CA LYS A 49 -1.96 -12.26 -17.26
C LYS A 49 -1.20 -12.38 -18.59
N ALA A 50 -1.51 -11.46 -19.50
CA ALA A 50 -0.83 -11.48 -20.80
C ALA A 50 0.63 -11.08 -20.70
N ILE A 51 1.00 -10.29 -19.69
CA ILE A 51 2.40 -9.92 -19.52
C ILE A 51 3.25 -11.13 -19.14
N ASN A 52 2.69 -11.99 -18.28
CA ASN A 52 3.43 -13.18 -17.89
C ASN A 52 2.44 -14.27 -17.54
N PRO A 53 2.11 -15.10 -18.53
CA PRO A 53 1.14 -16.15 -18.35
C PRO A 53 1.44 -17.18 -17.28
N LYS A 54 2.71 -17.26 -16.88
CA LYS A 54 3.13 -18.18 -15.83
C LYS A 54 2.56 -17.82 -14.46
N VAL A 55 2.23 -16.55 -14.25
CA VAL A 55 1.75 -16.13 -12.92
C VAL A 55 0.30 -16.56 -12.74
N ASN A 56 -0.04 -17.12 -11.59
CA ASN A 56 -1.44 -17.44 -11.31
C ASN A 56 -2.12 -16.22 -10.66
N ILE A 57 -3.03 -15.60 -11.37
CA ILE A 57 -3.64 -14.36 -10.89
C ILE A 57 -5.05 -14.66 -10.43
N THR A 58 -5.37 -14.29 -9.19
CA THR A 58 -6.74 -14.46 -8.68
C THR A 58 -7.24 -13.12 -8.13
N PHE A 59 -8.54 -12.97 -8.10
CA PHE A 59 -9.19 -11.77 -7.62
C PHE A 59 -10.26 -12.07 -6.59
N HIS A 60 -10.30 -11.23 -5.54
CA HIS A 60 -11.38 -11.25 -4.58
C HIS A 60 -11.90 -9.84 -4.36
N THR A 61 -13.21 -9.67 -4.36
CA THR A 61 -13.80 -8.40 -3.95
C THR A 61 -13.51 -8.15 -2.46
N TYR A 62 -13.05 -6.94 -2.19
CA TYR A 62 -12.64 -6.61 -0.82
C TYR A 62 -12.76 -5.11 -0.64
N ASP A 63 -13.46 -4.75 0.44
CA ASP A 63 -13.58 -3.36 0.87
C ASP A 63 -12.90 -3.24 2.24
N VAL A 64 -11.86 -2.43 2.35
CA VAL A 64 -11.10 -2.37 3.58
C VAL A 64 -11.92 -1.80 4.74
N THR A 65 -13.13 -1.33 4.50
CA THR A 65 -13.91 -0.82 5.65
C THR A 65 -14.73 -1.88 6.35
N VAL A 66 -14.64 -3.15 5.94
CA VAL A 66 -15.35 -4.21 6.68
C VAL A 66 -14.65 -4.49 8.00
N PRO A 67 -15.36 -5.12 8.94
CA PRO A 67 -14.78 -5.46 10.22
C PRO A 67 -13.64 -6.44 10.12
N VAL A 68 -12.74 -6.40 11.09
CA VAL A 68 -11.57 -7.28 11.07
C VAL A 68 -11.92 -8.76 10.97
N ALA A 69 -13.01 -9.23 11.57
CA ALA A 69 -13.41 -10.63 11.46
C ALA A 69 -13.70 -11.00 10.00
N GLU A 70 -14.24 -10.07 9.24
CA GLU A 70 -14.51 -10.35 7.83
C GLU A 70 -13.22 -10.43 7.04
N SER A 71 -12.25 -9.58 7.36
CA SER A 71 -10.95 -9.68 6.70
C SER A 71 -10.30 -11.01 7.01
N LYS A 72 -10.37 -11.45 8.26
CA LYS A 72 -9.79 -12.72 8.67
C LYS A 72 -10.43 -13.87 7.88
N LYS A 73 -11.74 -13.79 7.68
CA LYS A 73 -12.41 -14.88 6.95
C LYS A 73 -11.89 -14.97 5.51
N LEU A 74 -11.74 -13.80 4.89
CA LEU A 74 -11.23 -13.80 3.50
C LEU A 74 -9.79 -14.28 3.44
N LEU A 75 -8.93 -13.77 4.34
CA LEU A 75 -7.56 -14.23 4.40
C LEU A 75 -7.45 -15.73 4.64
N LYS A 76 -8.34 -16.28 5.47
CA LYS A 76 -8.33 -17.72 5.69
C LYS A 76 -8.54 -18.47 4.35
N LYS A 77 -9.45 -17.96 3.55
CA LYS A 77 -9.76 -18.59 2.27
C LYS A 77 -8.52 -18.57 1.38
N ILE A 78 -7.82 -17.43 1.41
CA ILE A 78 -6.60 -17.31 0.63
C ILE A 78 -5.46 -18.17 1.12
N PHE A 79 -5.20 -18.22 2.42
CA PHE A 79 -4.19 -19.07 3.03
C PHE A 79 -4.52 -20.55 2.82
N ASP A 80 -5.80 -20.89 2.81
CA ASP A 80 -6.12 -22.32 2.64
C ASP A 80 -5.84 -22.70 1.18
N GLN A 81 -5.98 -21.75 0.25
CA GLN A 81 -5.60 -22.03 -1.14
C GLN A 81 -4.10 -22.03 -1.34
N LEU A 82 -3.40 -21.00 -0.88
CA LEU A 82 -2.01 -20.77 -1.25
C LEU A 82 -1.06 -21.48 -0.29
N LYS A 83 -1.54 -21.69 0.94
CA LYS A 83 -0.77 -22.19 2.06
C LYS A 83 0.16 -21.15 2.69
N THR A 84 0.93 -20.49 1.85
CA THR A 84 1.87 -19.46 2.30
C THR A 84 1.59 -18.16 1.57
N VAL A 85 1.78 -17.03 2.26
CA VAL A 85 1.82 -15.71 1.65
C VAL A 85 3.13 -15.03 2.02
N ASP A 86 3.86 -14.50 1.04
CA ASP A 86 5.16 -13.91 1.36
C ASP A 86 5.08 -12.44 1.69
N ILE A 87 4.21 -11.71 1.01
CA ILE A 87 4.17 -10.26 1.09
C ILE A 87 2.71 -9.83 1.02
N LEU A 88 2.28 -8.93 1.91
CA LEU A 88 1.03 -8.21 1.79
C LEU A 88 1.32 -6.77 1.43
N ILE A 89 0.66 -6.27 0.38
CA ILE A 89 0.77 -4.86 0.02
C ILE A 89 -0.57 -4.19 0.29
N ASN A 90 -0.58 -3.20 1.20
CA ASN A 90 -1.81 -2.49 1.52
C ASN A 90 -1.82 -1.17 0.76
N GLY A 91 -2.64 -1.07 -0.28
CA GLY A 91 -2.61 0.10 -1.14
C GLY A 91 -3.90 0.90 -1.24
N ALA A 92 -4.92 0.66 -0.41
CA ALA A 92 -6.19 1.35 -0.56
C ALA A 92 -6.09 2.81 -0.13
N GLY A 93 -6.73 3.70 -0.86
CA GLY A 93 -6.76 5.09 -0.41
C GLY A 93 -7.80 5.86 -1.20
N ILE A 94 -8.36 6.85 -0.53
CA ILE A 94 -9.16 7.87 -1.18
C ILE A 94 -8.64 9.25 -0.78
N LEU A 95 -8.95 10.25 -1.60
CA LEU A 95 -8.73 11.63 -1.25
C LEU A 95 -10.00 12.43 -1.51
N ASP A 96 -10.62 12.83 -0.40
CA ASP A 96 -11.88 13.57 -0.42
C ASP A 96 -12.14 14.11 0.99
N ASP A 97 -11.75 15.35 1.20
CA ASP A 97 -11.81 15.88 2.58
C ASP A 97 -13.22 16.39 2.88
N HIS A 98 -14.18 16.17 2.00
CA HIS A 98 -15.58 16.27 2.39
C HIS A 98 -16.11 14.99 3.04
N GLN A 99 -15.34 13.91 2.91
CA GLN A 99 -15.68 12.63 3.50
C GLN A 99 -14.68 12.31 4.62
N ILE A 100 -14.90 12.96 5.77
CA ILE A 100 -13.92 12.85 6.86
C ILE A 100 -13.88 11.44 7.41
N GLU A 101 -15.01 10.87 7.80
CA GLU A 101 -15.07 9.55 8.39
C GLU A 101 -14.53 8.50 7.41
N ARG A 102 -14.96 8.61 6.15
CA ARG A 102 -14.59 7.57 5.18
C ARG A 102 -13.12 7.66 4.81
N THR A 103 -12.57 8.86 4.73
CA THR A 103 -11.13 9.02 4.52
C THR A 103 -10.36 8.27 5.59
N ILE A 104 -10.74 8.55 6.86
CA ILE A 104 -10.01 7.89 7.96
C ILE A 104 -10.22 6.38 7.96
N ALA A 105 -11.45 5.94 7.67
CA ALA A 105 -11.78 4.52 7.65
C ALA A 105 -10.99 3.78 6.58
N ILE A 106 -10.85 4.41 5.41
CA ILE A 106 -10.14 3.67 4.34
C ILE A 106 -8.63 3.80 4.50
N ASN A 107 -8.15 5.03 4.71
CA ASN A 107 -6.73 5.31 4.61
C ASN A 107 -5.95 4.83 5.84
N PHE A 108 -6.62 4.82 6.99
CA PHE A 108 -5.92 4.49 8.25
C PHE A 108 -6.53 3.26 8.89
N THR A 109 -7.77 3.31 9.37
CA THR A 109 -8.36 2.15 10.06
C THR A 109 -8.27 0.87 9.24
N GLY A 110 -8.63 1.00 7.95
CA GLY A 110 -8.72 -0.21 7.11
C GLY A 110 -7.36 -0.87 6.92
N LEU A 111 -6.31 -0.09 6.76
CA LEU A 111 -4.95 -0.60 6.64
C LEU A 111 -4.49 -1.26 7.94
N VAL A 112 -4.83 -0.65 9.07
CA VAL A 112 -4.53 -1.26 10.37
C VAL A 112 -5.27 -2.57 10.55
N ASN A 113 -6.52 -2.64 10.12
CA ASN A 113 -7.33 -3.85 10.29
C ASN A 113 -6.87 -4.98 9.38
N THR A 114 -6.51 -4.65 8.13
CA THR A 114 -6.02 -5.75 7.27
C THR A 114 -4.73 -6.32 7.84
N THR A 115 -3.87 -5.45 8.33
CA THR A 115 -2.62 -5.82 8.99
C THR A 115 -2.88 -6.70 10.21
N THR A 116 -3.82 -6.26 11.05
CA THR A 116 -4.14 -7.00 12.27
C THR A 116 -4.66 -8.38 11.92
N ALA A 117 -5.50 -8.44 10.89
CA ALA A 117 -6.04 -9.74 10.46
C ALA A 117 -4.95 -10.68 9.96
N ILE A 118 -4.02 -10.19 9.13
CA ILE A 118 -3.04 -11.14 8.57
C ILE A 118 -2.07 -11.60 9.65
N LEU A 119 -1.88 -10.81 10.71
CA LEU A 119 -1.01 -11.23 11.80
C LEU A 119 -1.54 -12.50 12.46
N ASP A 120 -2.83 -12.80 12.37
CA ASP A 120 -3.33 -14.08 12.88
C ASP A 120 -2.62 -15.26 12.21
N PHE A 121 -2.34 -15.09 10.91
CA PHE A 121 -1.73 -16.18 10.16
C PHE A 121 -0.21 -16.20 10.20
N TRP A 122 0.39 -15.04 10.47
CA TRP A 122 1.83 -14.87 10.37
C TRP A 122 2.56 -14.81 11.71
N ASP A 123 1.92 -14.25 12.73
CA ASP A 123 2.63 -14.00 14.01
C ASP A 123 3.40 -15.22 14.47
N LYS A 124 4.69 -15.07 14.71
CA LYS A 124 5.53 -16.18 15.15
C LYS A 124 5.17 -16.65 16.56
N ARG A 125 4.49 -15.80 17.32
CA ARG A 125 4.07 -16.21 18.67
C ARG A 125 2.94 -17.21 18.61
N LYS A 126 2.22 -17.30 17.50
CA LYS A 126 1.13 -18.27 17.35
C LYS A 126 1.57 -19.42 16.46
N GLY A 127 2.88 -19.50 16.20
CA GLY A 127 3.39 -20.62 15.40
C GLY A 127 3.44 -20.28 13.92
N GLY A 128 3.20 -19.01 13.58
CA GLY A 128 3.23 -18.61 12.17
C GLY A 128 4.64 -18.34 11.69
N PRO A 129 4.80 -18.19 10.35
CA PRO A 129 6.09 -18.12 9.71
C PRO A 129 6.68 -16.74 9.56
N GLY A 130 5.98 -15.72 10.08
CA GLY A 130 6.38 -14.35 9.82
C GLY A 130 5.94 -13.94 8.41
N GLY A 131 6.29 -12.70 8.07
CA GLY A 131 5.84 -12.17 6.78
C GLY A 131 6.39 -10.77 6.58
N ILE A 132 5.98 -10.12 5.51
CA ILE A 132 6.44 -8.81 5.09
C ILE A 132 5.27 -7.95 4.67
N ILE A 133 5.17 -6.72 5.17
CA ILE A 133 4.07 -5.84 4.81
C ILE A 133 4.64 -4.57 4.18
N ALA A 134 4.13 -4.25 2.98
CA ALA A 134 4.43 -3.00 2.31
C ALA A 134 3.22 -2.10 2.30
N ASN A 135 3.30 -0.96 2.98
CA ASN A 135 2.15 -0.07 3.10
C ASN A 135 2.30 1.16 2.20
N ILE A 136 1.33 1.36 1.31
CA ILE A 136 1.34 2.61 0.52
C ILE A 136 0.83 3.75 1.41
N CYS A 137 1.77 4.62 1.77
CA CYS A 137 1.36 5.80 2.57
C CYS A 137 1.33 7.00 1.65
N SER A 138 2.23 7.95 1.82
CA SER A 138 2.26 9.17 1.00
C SER A 138 3.30 10.13 1.56
N VAL A 139 3.98 10.92 0.74
CA VAL A 139 4.83 11.99 1.26
C VAL A 139 4.02 12.94 2.15
N THR A 140 2.72 13.04 1.97
CA THR A 140 1.95 13.98 2.82
C THR A 140 1.98 13.50 4.28
N GLY A 141 2.35 12.27 4.53
CA GLY A 141 2.53 11.81 5.91
C GLY A 141 3.80 12.35 6.54
N PHE A 142 4.73 12.88 5.74
CA PHE A 142 5.90 13.56 6.24
C PHE A 142 5.58 15.03 6.47
N ASN A 143 5.06 15.68 5.43
CA ASN A 143 4.69 17.07 5.41
C ASN A 143 3.39 17.23 4.65
N ALA A 144 2.33 17.75 5.26
CA ALA A 144 1.01 17.72 4.69
C ALA A 144 0.90 18.58 3.43
N ILE A 145 -0.07 18.20 2.59
CA ILE A 145 -0.77 19.23 1.81
C ILE A 145 -1.83 19.81 2.74
N HIS A 146 -1.58 21.02 3.25
CA HIS A 146 -2.45 21.48 4.34
C HIS A 146 -3.85 21.83 3.87
N GLN A 147 -4.06 21.91 2.54
CA GLN A 147 -5.39 22.13 2.02
C GLN A 147 -6.25 20.87 1.99
N VAL A 148 -5.59 19.70 2.12
CA VAL A 148 -6.31 18.46 2.38
C VAL A 148 -5.79 17.86 3.69
N PRO A 149 -6.09 18.56 4.79
CA PRO A 149 -5.51 18.17 6.08
C PRO A 149 -5.95 16.84 6.60
N VAL A 150 -7.15 16.39 6.25
CA VAL A 150 -7.63 15.10 6.73
C VAL A 150 -6.93 13.96 6.00
N TYR A 151 -6.94 14.06 4.66
CA TYR A 151 -6.10 13.10 3.90
C TYR A 151 -4.69 13.04 4.45
N SER A 152 -4.05 14.20 4.60
CA SER A 152 -2.64 14.21 4.96
C SER A 152 -2.43 13.63 6.36
N ALA A 153 -3.36 13.94 7.25
CA ALA A 153 -3.25 13.37 8.61
C ALA A 153 -3.44 11.86 8.62
N SER A 154 -4.33 11.36 7.76
CA SER A 154 -4.51 9.91 7.65
C SER A 154 -3.25 9.22 7.16
N LYS A 155 -2.49 9.93 6.33
CA LYS A 155 -1.24 9.34 5.83
C LYS A 155 -0.12 9.49 6.84
N ALA A 156 -0.09 10.57 7.64
CA ALA A 156 0.86 10.60 8.75
C ALA A 156 0.60 9.42 9.68
N ALA A 157 -0.67 9.10 9.91
CA ALA A 157 -0.97 7.97 10.79
C ALA A 157 -0.32 6.68 10.27
N VAL A 158 -0.51 6.40 8.96
CA VAL A 158 0.00 5.10 8.50
C VAL A 158 1.52 5.12 8.30
N VAL A 159 2.15 6.26 8.05
CA VAL A 159 3.61 6.32 8.15
C VAL A 159 4.10 5.91 9.54
N SER A 160 3.42 6.43 10.57
CA SER A 160 3.75 6.06 11.95
C SER A 160 3.51 4.60 12.23
N PHE A 161 2.32 4.13 11.89
CA PHE A 161 1.94 2.74 12.13
C PHE A 161 2.96 1.79 11.49
N THR A 162 3.36 2.11 10.25
CA THR A 162 4.33 1.24 9.57
C THR A 162 5.70 1.24 10.23
N ASN A 163 6.19 2.38 10.66
CA ASN A 163 7.42 2.46 11.42
C ASN A 163 7.32 1.55 12.66
N SER A 164 6.17 1.63 13.32
CA SER A 164 5.99 0.81 14.53
C SER A 164 5.96 -0.68 14.25
N LEU A 165 5.27 -1.09 13.18
CA LEU A 165 5.28 -2.49 12.80
C LEU A 165 6.71 -3.00 12.64
N ALA A 166 7.51 -2.22 11.92
CA ALA A 166 8.90 -2.62 11.66
C ALA A 166 9.68 -2.81 12.96
N LYS A 167 9.42 -1.93 13.94
CA LYS A 167 10.07 -2.09 15.23
C LYS A 167 9.58 -3.27 16.05
N LEU A 168 8.40 -3.79 15.73
CA LEU A 168 7.87 -4.97 16.39
C LEU A 168 8.29 -6.26 15.71
N ALA A 169 9.01 -6.19 14.59
CA ALA A 169 9.38 -7.45 13.91
C ALA A 169 10.09 -8.47 14.77
N PRO A 170 10.90 -8.11 15.75
CA PRO A 170 11.52 -9.11 16.63
C PRO A 170 10.50 -9.87 17.45
N ILE A 171 9.34 -9.30 17.70
CA ILE A 171 8.28 -9.95 18.47
C ILE A 171 7.35 -10.76 17.60
N THR A 172 6.98 -10.22 16.42
CA THR A 172 5.91 -10.80 15.64
C THR A 172 6.45 -11.64 14.47
N GLY A 173 7.67 -11.36 14.07
CA GLY A 173 8.24 -12.01 12.87
C GLY A 173 7.78 -11.33 11.58
N VAL A 174 7.05 -10.24 11.69
CA VAL A 174 6.56 -9.55 10.50
C VAL A 174 7.29 -8.24 10.32
N THR A 175 8.04 -8.12 9.22
CA THR A 175 8.73 -6.89 8.86
C THR A 175 7.82 -6.00 8.02
N ALA A 176 8.20 -4.73 7.90
CA ALA A 176 7.35 -3.77 7.19
C ALA A 176 8.16 -2.56 6.74
N TYR A 177 7.66 -1.92 5.68
CA TYR A 177 8.26 -0.66 5.23
C TYR A 177 7.16 0.16 4.56
N SER A 178 7.36 1.48 4.51
CA SER A 178 6.37 2.31 3.83
C SER A 178 6.87 2.70 2.42
N ILE A 179 5.88 2.79 1.55
CA ILE A 179 6.08 3.25 0.17
C ILE A 179 5.34 4.59 0.08
N ASN A 180 6.08 5.67 -0.14
CA ASN A 180 5.49 7.01 -0.06
C ASN A 180 5.69 7.74 -1.39
N PRO A 181 4.71 7.57 -2.29
CA PRO A 181 4.75 8.35 -3.53
C PRO A 181 4.70 9.84 -3.24
N GLY A 182 5.43 10.61 -4.03
CA GLY A 182 5.08 12.01 -4.29
C GLY A 182 3.99 12.10 -5.36
N ILE A 183 3.81 13.31 -5.89
CA ILE A 183 2.69 13.51 -6.83
C ILE A 183 2.93 12.73 -8.14
N THR A 184 1.97 11.86 -8.44
CA THR A 184 2.19 10.82 -9.45
C THR A 184 1.03 10.88 -10.43
N ARG A 185 1.35 11.10 -11.71
CA ARG A 185 0.30 11.21 -12.71
C ARG A 185 -0.08 9.81 -13.19
N THR A 186 -1.35 9.55 -13.31
CA THR A 186 -1.88 8.25 -13.74
C THR A 186 -2.75 8.50 -14.98
N PRO A 187 -3.43 7.49 -15.48
CA PRO A 187 -4.34 7.69 -16.62
C PRO A 187 -5.56 8.50 -16.27
N LEU A 188 -5.81 8.73 -14.99
CA LEU A 188 -7.03 9.43 -14.57
C LEU A 188 -6.80 10.92 -14.51
N VAL A 189 -7.88 11.68 -14.69
CA VAL A 189 -7.83 13.13 -14.47
C VAL A 189 -8.69 13.44 -13.24
N HIS A 190 -8.08 14.06 -12.24
CA HIS A 190 -8.77 14.21 -10.96
C HIS A 190 -9.15 15.66 -10.65
N THR A 191 -10.17 15.82 -9.82
CA THR A 191 -10.32 17.06 -9.06
C THR A 191 -10.62 16.69 -7.61
N PHE A 192 -10.21 17.49 -6.64
CA PHE A 192 -10.26 17.07 -5.23
C PHE A 192 -11.18 17.98 -4.43
N ASN A 193 -11.84 17.38 -3.44
CA ASN A 193 -12.53 18.20 -2.43
C ASN A 193 -11.56 18.51 -1.29
N SER A 194 -11.28 19.78 -1.10
CA SER A 194 -10.47 20.23 0.03
C SER A 194 -11.37 20.43 1.25
N TRP A 195 -10.71 20.40 2.43
CA TRP A 195 -11.48 20.54 3.68
C TRP A 195 -12.15 21.92 3.72
N LEU A 196 -13.46 21.90 3.98
CA LEU A 196 -14.23 23.14 4.05
C LEU A 196 -13.97 24.05 2.84
N ASP A 197 -13.62 23.42 1.71
CA ASP A 197 -13.37 24.14 0.48
C ASP A 197 -12.36 25.28 0.61
N VAL A 198 -11.33 25.06 1.44
CA VAL A 198 -10.26 26.04 1.56
C VAL A 198 -9.53 26.30 0.25
N GLU A 199 -9.47 25.28 -0.63
CA GLU A 199 -8.79 25.42 -1.90
C GLU A 199 -9.41 24.46 -2.92
N PRO A 200 -10.26 24.99 -3.80
CA PRO A 200 -10.94 24.15 -4.78
C PRO A 200 -10.01 23.65 -5.88
N ARG A 201 -8.81 24.19 -5.99
CA ARG A 201 -7.94 23.87 -7.12
C ARG A 201 -6.71 23.07 -6.75
N VAL A 202 -6.74 22.25 -5.69
CA VAL A 202 -5.55 21.51 -5.30
C VAL A 202 -4.93 20.69 -6.43
N ALA A 203 -5.72 19.94 -7.18
CA ALA A 203 -5.15 19.08 -8.23
C ALA A 203 -4.42 19.93 -9.27
N GLU A 204 -5.10 20.98 -9.73
CA GLU A 204 -4.46 21.85 -10.72
C GLU A 204 -3.18 22.47 -10.19
N LEU A 205 -3.21 22.97 -8.94
CA LEU A 205 -2.03 23.65 -8.40
C LEU A 205 -0.87 22.69 -8.21
N LEU A 206 -1.12 21.45 -7.78
CA LEU A 206 -0.06 20.47 -7.64
C LEU A 206 0.63 20.22 -8.98
N LEU A 207 -0.19 20.18 -10.03
CA LEU A 207 0.37 19.75 -11.33
C LEU A 207 1.12 20.88 -12.00
N SER A 208 1.13 22.08 -11.41
CA SER A 208 1.98 23.16 -11.89
C SER A 208 3.46 22.83 -11.72
N HIS A 209 3.79 21.95 -10.79
CA HIS A 209 5.15 21.68 -10.37
C HIS A 209 5.60 20.33 -10.91
N PRO A 210 6.89 20.04 -10.85
CA PRO A 210 7.37 18.74 -11.32
C PRO A 210 6.74 17.59 -10.58
N THR A 211 6.42 16.54 -11.33
CA THR A 211 5.79 15.34 -10.82
C THR A 211 6.48 14.12 -11.45
N GLN A 212 5.88 12.95 -11.33
CA GLN A 212 6.41 11.73 -11.95
C GLN A 212 5.25 10.96 -12.56
N THR A 213 5.57 9.97 -13.41
CA THR A 213 4.51 9.12 -13.95
C THR A 213 4.26 7.90 -13.10
N SER A 214 3.08 7.29 -13.28
CA SER A 214 2.79 6.06 -12.52
C SER A 214 3.71 4.93 -12.94
N GLU A 215 4.20 4.97 -14.20
CA GLU A 215 5.18 3.95 -14.58
C GLU A 215 6.48 4.09 -13.81
N GLN A 216 6.97 5.33 -13.68
CA GLN A 216 8.17 5.54 -12.87
C GLN A 216 7.94 5.07 -11.44
N CYS A 217 6.80 5.51 -10.90
CA CYS A 217 6.48 5.10 -9.51
C CYS A 217 6.48 3.59 -9.36
N GLY A 218 5.80 2.91 -10.29
CA GLY A 218 5.63 1.46 -10.20
C GLY A 218 6.97 0.74 -10.28
N GLN A 219 7.87 1.25 -11.12
CA GLN A 219 9.22 0.71 -11.23
C GLN A 219 9.99 0.84 -9.92
N ASN A 220 9.91 2.03 -9.31
CA ASN A 220 10.63 2.22 -8.05
C ASN A 220 9.95 1.49 -6.91
N PHE A 221 8.65 1.27 -7.01
CA PHE A 221 7.93 0.49 -5.98
C PHE A 221 8.46 -0.93 -5.92
N VAL A 222 8.60 -1.55 -7.12
CA VAL A 222 9.10 -2.93 -7.14
C VAL A 222 10.56 -2.97 -6.70
N LYS A 223 11.34 -1.96 -7.05
CA LYS A 223 12.72 -1.85 -6.59
C LYS A 223 12.76 -1.79 -5.07
N ALA A 224 11.80 -1.07 -4.47
CA ALA A 224 11.81 -0.99 -3.00
C ALA A 224 11.45 -2.34 -2.39
N ILE A 225 10.48 -3.04 -2.99
CA ILE A 225 10.13 -4.39 -2.51
C ILE A 225 11.32 -5.34 -2.57
N GLU A 226 12.05 -5.26 -3.69
CA GLU A 226 13.24 -6.09 -3.87
C GLU A 226 14.35 -5.75 -2.88
N ALA A 227 14.47 -4.49 -2.47
CA ALA A 227 15.45 -4.15 -1.43
C ALA A 227 15.10 -4.77 -0.09
N ASN A 228 13.81 -4.91 0.22
CA ASN A 228 13.36 -5.66 1.38
C ASN A 228 14.02 -5.20 2.68
N LYS A 229 13.89 -3.90 2.95
CA LYS A 229 14.54 -3.27 4.09
C LYS A 229 13.53 -2.99 5.19
N ASN A 230 13.57 -3.80 6.26
CA ASN A 230 12.66 -3.56 7.37
C ASN A 230 12.87 -2.17 7.96
N GLY A 231 11.73 -1.48 8.11
CA GLY A 231 11.80 -0.14 8.71
C GLY A 231 12.14 0.98 7.73
N ALA A 232 12.41 0.65 6.46
CA ALA A 232 12.60 1.73 5.51
C ALA A 232 11.35 2.59 5.34
N ILE A 233 11.63 3.87 5.12
CA ILE A 233 10.61 4.87 4.81
C ILE A 233 10.95 5.37 3.41
N TRP A 234 10.30 4.74 2.41
CA TRP A 234 10.76 5.00 1.04
C TRP A 234 9.99 6.19 0.45
N LYS A 235 10.76 7.13 -0.11
CA LYS A 235 10.15 8.24 -0.86
C LYS A 235 10.28 7.91 -2.36
N LEU A 236 9.14 7.91 -3.02
CA LEU A 236 9.15 7.68 -4.47
C LEU A 236 8.64 8.95 -5.16
N ASP A 237 9.53 9.86 -5.48
CA ASP A 237 9.19 11.20 -5.92
C ASP A 237 10.10 11.62 -7.07
N LEU A 238 9.51 12.27 -8.07
CA LEU A 238 10.32 12.82 -9.16
C LEU A 238 11.14 11.72 -9.84
N GLY A 239 10.58 10.51 -9.83
CA GLY A 239 11.17 9.39 -10.54
C GLY A 239 12.32 8.71 -9.82
N THR A 240 12.65 9.07 -8.58
CA THR A 240 13.72 8.39 -7.87
C THR A 240 13.17 7.59 -6.69
N LEU A 241 14.02 6.74 -6.14
CA LEU A 241 13.76 6.01 -4.92
C LEU A 241 14.80 6.44 -3.88
N GLU A 242 14.30 6.91 -2.73
CA GLU A 242 15.18 7.45 -1.69
C GLU A 242 14.66 7.04 -0.30
N ALA A 243 15.49 6.44 0.53
CA ALA A 243 15.09 6.20 1.92
C ALA A 243 15.28 7.46 2.74
N ILE A 244 14.28 7.79 3.52
CA ILE A 244 14.22 8.95 4.41
C ILE A 244 14.71 8.58 5.81
N GLU A 245 15.41 9.49 6.46
CA GLU A 245 15.77 9.31 7.87
C GLU A 245 14.77 10.06 8.75
N TRP A 246 14.07 9.31 9.59
CA TRP A 246 13.04 9.92 10.44
C TRP A 246 13.73 10.67 11.59
N THR A 247 13.26 11.89 11.87
CA THR A 247 13.90 12.69 12.92
C THR A 247 13.53 12.14 14.29
N LYS A 248 14.52 12.05 15.16
CA LYS A 248 14.27 11.62 16.53
C LYS A 248 14.00 12.84 17.39
N HIS A 249 12.73 13.16 17.61
CA HIS A 249 12.39 14.29 18.47
C HIS A 249 12.22 13.86 19.92
N TRP A 250 11.82 12.61 20.11
CA TRP A 250 11.49 12.10 21.44
C TRP A 250 11.77 10.60 21.48
N ASP A 251 12.16 10.09 22.64
CA ASP A 251 12.37 8.67 22.86
C ASP A 251 11.65 8.19 24.10
N SER A 252 10.83 7.16 23.95
CA SER A 252 10.16 6.53 25.08
C SER A 252 11.17 5.87 26.02
N HIS A 253 12.31 5.47 25.51
CA HIS A 253 13.30 4.65 26.18
C HIS A 253 12.86 3.22 26.40
N ILE A 254 11.77 2.78 25.77
CA ILE A 254 11.35 1.39 25.82
C ILE A 254 11.27 0.74 24.44
#